data_3TAO
#
_entry.id   3TAO
#
_cell.length_a   134.026
_cell.length_b   55.736
_cell.length_c   76.941
_cell.angle_alpha   90.000
_cell.angle_beta   104.030
_cell.angle_gamma   90.000
#
_symmetry.space_group_name_H-M   'C 1 2 1'
#
loop_
_entity.id
_entity.type
_entity.pdbx_description
1 polymer 'Triosephosphate isomerase'
2 non-polymer 'PHOSPHOGLYCOLOHYDROXAMIC ACID'
3 water water
#
_entity_poly.entity_id   1
_entity_poly.type   'polypeptide(L)'
_entity_poly.pdbx_seq_one_letter_code
;MSRKPLIAGNWKMNLNHYEAIALVQKIAFSLPDKYYDRVDVAVIPPFTDLRSVQTLVDGDKLRLTYGAQDLSPHDSGAYT
GDVSGAFLAKLGCSYVVVGHSERRTYHNEDDALVAAKAATALKHGLTPIVCIGEHLDVREAGNHVAHNIEQLRGSLAGLL
AEQIGSVVIAYEPVWAIGTGRVASAADAQEVCAAIRKELASLASPRIADTVRVLYGGSVNAKNVGDIVAQDDVDGGLVGG
ASLDGEHFATLAAIAAGGPLPHHHHHH
;
_entity_poly.pdbx_strand_id   A,B
#
loop_
_chem_comp.id
_chem_comp.type
_chem_comp.name
_chem_comp.formula
PGH non-polymer 'PHOSPHOGLYCOLOHYDROXAMIC ACID' 'C2 H6 N O6 P'
#
# COMPACT_ATOMS: atom_id res chain seq x y z
N SER A 2 7.07 32.52 -12.77
CA SER A 2 8.04 31.71 -11.98
C SER A 2 7.34 30.56 -11.23
N ARG A 3 8.11 29.53 -10.91
CA ARG A 3 7.57 28.39 -10.18
C ARG A 3 8.16 28.31 -8.78
N LYS A 4 7.30 28.10 -7.79
CA LYS A 4 7.76 27.98 -6.41
C LYS A 4 8.39 26.59 -6.22
N PRO A 5 9.59 26.53 -5.64
CA PRO A 5 10.23 25.21 -5.49
C PRO A 5 9.51 24.30 -4.52
N LEU A 6 9.66 23.01 -4.74
CA LEU A 6 9.03 21.97 -3.94
C LEU A 6 10.07 20.95 -3.51
N ILE A 7 10.16 20.71 -2.21
CA ILE A 7 11.04 19.68 -1.69
C ILE A 7 10.13 18.65 -1.04
N ALA A 8 10.10 17.44 -1.62
CA ALA A 8 9.21 16.39 -1.13
C ALA A 8 10.05 15.21 -0.70
N GLY A 9 9.76 14.68 0.50
CA GLY A 9 10.50 13.59 1.08
C GLY A 9 9.81 12.24 0.94
N ASN A 10 10.33 11.40 0.05
CA ASN A 10 9.83 10.04 -0.08
C ASN A 10 10.47 9.15 0.97
N TRP A 11 9.70 8.85 2.02
CA TRP A 11 10.25 8.02 3.10
C TRP A 11 10.43 6.56 2.71
N LYS A 12 9.79 6.15 1.61
CA LYS A 12 9.75 4.74 1.20
C LYS A 12 9.20 3.88 2.35
N MET A 13 9.59 2.62 2.45
CA MET A 13 9.03 1.75 3.48
C MET A 13 9.85 1.87 4.76
N ASN A 14 9.72 3.02 5.42
CA ASN A 14 10.47 3.33 6.64
C ASN A 14 9.61 4.16 7.55
N LEU A 15 9.67 3.82 8.84
CA LEU A 15 9.12 4.58 9.99
C LEU A 15 7.70 4.18 10.34
N ASN A 16 7.53 3.73 11.57
CA ASN A 16 6.21 3.45 12.12
C ASN A 16 5.54 4.76 12.51
N HIS A 17 4.34 4.67 13.05
CA HIS A 17 3.52 5.87 13.22
C HIS A 17 4.01 6.82 14.30
N TYR A 18 4.68 6.35 15.34
N TYR A 18 4.67 6.23 15.30
CA TYR A 18 5.18 7.35 16.28
CA TYR A 18 5.32 6.94 16.40
C TYR A 18 6.60 7.82 15.87
C TYR A 18 6.49 7.73 15.84
N GLU A 19 7.35 7.01 15.12
CA GLU A 19 8.56 7.54 14.47
C GLU A 19 8.22 8.65 13.46
N ALA A 20 7.08 8.50 12.79
CA ALA A 20 6.59 9.50 11.85
C ALA A 20 6.34 10.84 12.53
N ILE A 21 5.70 10.81 13.69
CA ILE A 21 5.42 12.05 14.42
CA ILE A 21 5.43 12.01 14.50
C ILE A 21 6.73 12.70 14.86
N ALA A 22 7.68 11.93 15.37
CA ALA A 22 8.97 12.48 15.78
C ALA A 22 9.73 13.10 14.61
N LEU A 23 9.65 12.47 13.42
CA LEU A 23 10.34 13.05 12.24
C LEU A 23 9.69 14.35 11.80
N VAL A 24 8.37 14.38 11.73
CA VAL A 24 7.69 15.61 11.39
C VAL A 24 8.03 16.73 12.39
N GLN A 25 8.07 16.41 13.68
N GLN A 25 8.01 16.39 13.69
CA GLN A 25 8.41 17.44 14.65
CA GLN A 25 8.39 17.35 14.72
C GLN A 25 9.87 17.89 14.57
C GLN A 25 9.81 17.89 14.49
N LYS A 26 10.76 17.00 14.17
CA LYS A 26 12.15 17.39 13.94
C LYS A 26 12.21 18.37 12.77
N ILE A 27 11.48 18.09 11.68
CA ILE A 27 11.49 19.00 10.55
C ILE A 27 10.93 20.36 10.92
N ALA A 28 9.76 20.36 11.56
N ALA A 28 9.80 20.37 11.61
CA ALA A 28 8.97 21.58 11.84
CA ALA A 28 9.25 21.59 12.19
C ALA A 28 9.67 22.53 12.82
C ALA A 28 10.30 22.26 13.08
N PHE A 29 10.56 21.97 13.65
N PHE A 29 10.90 21.49 14.00
CA PHE A 29 11.39 22.74 14.59
CA PHE A 29 11.90 22.04 14.92
C PHE A 29 12.84 23.02 14.06
C PHE A 29 12.87 22.90 14.13
N SER A 30 13.32 22.30 13.01
CA SER A 30 14.59 22.64 12.35
C SER A 30 14.47 23.70 11.27
N LEU A 31 13.28 23.87 10.71
CA LEU A 31 13.09 24.77 9.58
C LEU A 31 12.40 26.07 10.00
N PRO A 32 13.12 27.22 9.92
CA PRO A 32 12.50 28.50 10.26
C PRO A 32 11.27 28.82 9.41
N ASP A 33 10.23 29.36 10.04
CA ASP A 33 8.96 29.69 9.37
C ASP A 33 9.13 30.52 8.10
N LYS A 34 10.15 31.39 8.11
CA LYS A 34 10.39 32.31 7.00
C LYS A 34 10.57 31.59 5.66
N TYR A 35 11.04 30.34 5.72
CA TYR A 35 11.31 29.59 4.49
C TYR A 35 10.06 29.14 3.73
N TYR A 36 8.96 28.92 4.44
CA TYR A 36 7.75 28.40 3.78
C TYR A 36 7.17 29.32 2.70
N ASP A 37 7.40 30.63 2.80
CA ASP A 37 6.97 31.55 1.75
C ASP A 37 7.75 31.35 0.44
N ARG A 38 8.90 30.70 0.55
CA ARG A 38 9.80 30.54 -0.61
C ARG A 38 9.99 29.11 -1.09
N VAL A 39 9.54 28.12 -0.31
CA VAL A 39 9.61 26.72 -0.72
C VAL A 39 8.42 25.97 -0.13
N ASP A 40 7.84 25.08 -0.92
CA ASP A 40 6.87 24.12 -0.41
C ASP A 40 7.58 22.88 0.05
N VAL A 41 7.16 22.36 1.20
CA VAL A 41 7.85 21.22 1.81
C VAL A 41 6.80 20.15 2.12
N ALA A 42 7.03 18.94 1.66
CA ALA A 42 6.09 17.82 1.85
C ALA A 42 6.80 16.59 2.32
N VAL A 43 6.13 15.82 3.19
CA VAL A 43 6.60 14.50 3.61
C VAL A 43 5.67 13.46 3.01
N ILE A 44 6.23 12.31 2.62
CA ILE A 44 5.48 11.26 1.95
CA ILE A 44 5.48 11.25 1.96
C ILE A 44 5.69 9.93 2.69
N PRO A 45 4.92 9.72 3.79
CA PRO A 45 5.10 8.54 4.63
C PRO A 45 4.41 7.31 4.08
N PRO A 46 4.74 6.14 4.64
CA PRO A 46 3.88 4.95 4.41
C PRO A 46 2.41 5.16 4.76
N PHE A 47 1.52 4.39 4.11
CA PHE A 47 0.08 4.58 4.28
C PHE A 47 -0.36 4.56 5.75
N THR A 48 0.28 3.66 6.51
CA THR A 48 -0.09 3.40 7.89
C THR A 48 0.27 4.56 8.83
N ASP A 49 1.09 5.50 8.34
CA ASP A 49 1.50 6.68 9.11
C ASP A 49 0.64 7.92 8.81
N LEU A 50 -0.26 7.82 7.84
CA LEU A 50 -0.94 9.01 7.34
C LEU A 50 -1.88 9.64 8.37
N ARG A 51 -2.62 8.83 9.12
CA ARG A 51 -3.50 9.39 10.13
C ARG A 51 -2.71 10.18 11.19
N SER A 52 -1.59 9.61 11.60
CA SER A 52 -0.76 10.25 12.62
C SER A 52 -0.19 11.57 12.14
N VAL A 53 0.29 11.57 10.92
CA VAL A 53 0.84 12.80 10.33
C VAL A 53 -0.25 13.85 10.06
N GLN A 54 -1.41 13.43 9.54
CA GLN A 54 -2.53 14.33 9.31
C GLN A 54 -2.95 15.03 10.61
N THR A 55 -3.12 14.25 11.68
CA THR A 55 -3.62 14.87 12.91
CA THR A 55 -3.56 14.76 12.99
C THR A 55 -2.58 15.81 13.52
N LEU A 56 -1.28 15.50 13.40
CA LEU A 56 -0.25 16.42 13.87
C LEU A 56 -0.20 17.69 13.04
N VAL A 57 -0.21 17.55 11.72
CA VAL A 57 -0.10 18.71 10.82
C VAL A 57 -1.33 19.60 10.95
N ASP A 58 -2.51 19.00 10.99
CA ASP A 58 -3.73 19.80 11.14
C ASP A 58 -3.88 20.36 12.55
N GLY A 59 -3.59 19.54 13.56
CA GLY A 59 -3.78 19.93 14.95
C GLY A 59 -2.84 21.04 15.38
N ASP A 60 -1.61 21.03 14.86
CA ASP A 60 -0.61 22.06 15.19
C ASP A 60 -0.47 23.15 14.12
N LYS A 61 -1.32 23.08 13.11
N LYS A 61 -1.33 23.10 13.12
CA LYS A 61 -1.36 24.06 12.02
CA LYS A 61 -1.35 24.08 12.03
C LYS A 61 0.03 24.23 11.38
C LYS A 61 0.02 24.23 11.37
N LEU A 62 0.69 23.11 11.11
CA LEU A 62 1.99 23.12 10.48
C LEU A 62 1.86 23.54 9.01
N ARG A 63 2.92 24.13 8.48
CA ARG A 63 2.92 24.57 7.09
C ARG A 63 3.49 23.51 6.15
N LEU A 64 4.08 22.45 6.72
CA LEU A 64 4.43 21.25 5.96
C LEU A 64 3.15 20.64 5.40
N THR A 65 3.24 20.08 4.18
CA THR A 65 2.16 19.26 3.62
C THR A 65 2.63 17.80 3.53
N TYR A 66 1.74 16.93 3.06
CA TYR A 66 2.08 15.51 3.04
C TYR A 66 1.38 14.80 1.89
N GLY A 67 1.83 13.57 1.64
CA GLY A 67 1.22 12.77 0.58
C GLY A 67 1.51 11.30 0.79
N ALA A 68 1.05 10.49 -0.17
CA ALA A 68 1.24 9.06 -0.13
C ALA A 68 2.11 8.58 -1.28
N GLN A 69 2.54 7.33 -1.15
CA GLN A 69 3.53 6.73 -2.06
C GLN A 69 2.95 5.95 -3.23
N ASP A 70 1.63 5.77 -3.26
CA ASP A 70 0.93 4.98 -4.30
C ASP A 70 -0.57 5.14 -4.11
N LEU A 71 -1.35 4.76 -5.12
CA LEU A 71 -2.79 4.61 -4.97
C LEU A 71 -3.28 3.65 -6.05
N SER A 72 -4.47 3.10 -5.83
CA SER A 72 -5.14 2.27 -6.84
C SER A 72 -5.63 3.09 -8.04
N PRO A 73 -5.65 2.49 -9.25
CA PRO A 73 -6.34 3.18 -10.34
C PRO A 73 -7.87 3.19 -10.16
N HIS A 74 -8.40 2.41 -9.20
CA HIS A 74 -9.85 2.34 -8.97
C HIS A 74 -10.27 3.14 -7.75
N ASP A 75 -11.53 3.55 -7.69
CA ASP A 75 -12.02 4.36 -6.58
C ASP A 75 -12.37 3.55 -5.34
N SER A 76 -12.91 2.35 -5.54
CA SER A 76 -13.33 1.51 -4.42
C SER A 76 -13.54 0.10 -4.94
N GLY A 77 -13.71 -0.82 -4.02
CA GLY A 77 -14.22 -2.14 -4.36
C GLY A 77 -13.30 -3.29 -3.98
N ALA A 78 -13.43 -4.34 -4.77
CA ALA A 78 -12.87 -5.63 -4.43
C ALA A 78 -11.42 -5.74 -4.89
N TYR A 79 -10.58 -4.99 -4.19
CA TYR A 79 -9.15 -4.87 -4.48
C TYR A 79 -8.38 -4.99 -3.17
N THR A 80 -8.44 -6.20 -2.60
CA THR A 80 -7.85 -6.45 -1.27
C THR A 80 -6.39 -5.99 -1.24
N GLY A 81 -6.02 -5.22 -0.21
CA GLY A 81 -4.65 -4.72 -0.06
C GLY A 81 -4.39 -3.33 -0.65
N ASP A 82 -5.28 -2.84 -1.50
CA ASP A 82 -5.03 -1.58 -2.23
C ASP A 82 -5.69 -0.38 -1.56
N VAL A 83 -5.10 0.79 -1.77
CA VAL A 83 -5.55 2.03 -1.13
C VAL A 83 -6.10 3.00 -2.15
N SER A 84 -7.29 3.54 -1.86
CA SER A 84 -7.93 4.47 -2.76
C SER A 84 -7.52 5.93 -2.57
N GLY A 85 -7.42 6.65 -3.68
CA GLY A 85 -7.27 8.10 -3.66
C GLY A 85 -8.34 8.80 -2.84
N ALA A 86 -9.54 8.21 -2.75
CA ALA A 86 -10.57 8.80 -1.90
C ALA A 86 -10.16 8.80 -0.42
N PHE A 87 -9.47 7.74 0.02
CA PHE A 87 -9.03 7.66 1.41
C PHE A 87 -7.93 8.72 1.63
N LEU A 88 -7.05 8.88 0.65
CA LEU A 88 -5.96 9.83 0.77
C LEU A 88 -6.47 11.27 0.83
N ALA A 89 -7.45 11.57 -0.03
CA ALA A 89 -8.08 12.89 -0.01
C ALA A 89 -8.77 13.16 1.33
N LYS A 90 -9.45 12.16 1.89
N LYS A 90 -9.49 12.18 1.87
CA LYS A 90 -10.16 12.37 3.16
CA LYS A 90 -10.16 12.34 3.17
C LYS A 90 -9.15 12.63 4.27
C LYS A 90 -9.18 12.54 4.32
N LEU A 91 -7.96 12.07 4.15
CA LEU A 91 -6.88 12.30 5.11
C LEU A 91 -6.09 13.58 4.84
N GLY A 92 -6.51 14.38 3.86
CA GLY A 92 -5.87 15.66 3.62
C GLY A 92 -4.54 15.59 2.89
N CYS A 93 -4.26 14.47 2.21
CA CYS A 93 -3.05 14.39 1.41
C CYS A 93 -3.09 15.41 0.28
N SER A 94 -1.94 16.04 0.06
CA SER A 94 -1.77 16.98 -1.08
C SER A 94 -1.22 16.25 -2.29
N TYR A 95 -0.34 15.29 -2.07
CA TYR A 95 0.40 14.62 -3.15
C TYR A 95 0.20 13.13 -3.12
N VAL A 96 0.41 12.49 -4.28
CA VAL A 96 0.61 11.03 -4.31
C VAL A 96 1.62 10.70 -5.37
N VAL A 97 2.59 9.85 -5.02
CA VAL A 97 3.60 9.41 -5.99
C VAL A 97 3.00 8.33 -6.87
N VAL A 98 3.23 8.48 -8.17
CA VAL A 98 2.83 7.44 -9.13
C VAL A 98 3.98 7.09 -10.04
N GLY A 99 4.14 5.78 -10.33
CA GLY A 99 5.20 5.32 -11.20
C GLY A 99 6.62 5.42 -10.68
N HIS A 100 6.79 5.41 -9.37
CA HIS A 100 8.13 5.34 -8.82
C HIS A 100 8.84 4.13 -9.42
N SER A 101 10.12 4.27 -9.76
N SER A 101 10.14 4.29 -9.69
CA SER A 101 10.84 3.15 -10.37
CA SER A 101 11.00 3.25 -10.26
C SER A 101 10.76 1.84 -9.56
C SER A 101 10.97 1.91 -9.53
N GLU A 102 10.70 1.94 -8.22
CA GLU A 102 10.58 0.72 -7.39
C GLU A 102 9.26 0.01 -7.67
N ARG A 103 8.19 0.76 -7.91
CA ARG A 103 6.93 0.11 -8.28
C ARG A 103 6.93 -0.39 -9.70
N ARG A 104 7.55 0.36 -10.61
CA ARG A 104 7.64 -0.09 -11.99
C ARG A 104 8.37 -1.42 -12.07
N THR A 105 9.39 -1.56 -11.24
N THR A 105 9.46 -1.57 -11.32
CA THR A 105 10.30 -2.71 -11.29
CA THR A 105 10.20 -2.82 -11.37
C THR A 105 9.77 -3.90 -10.48
C THR A 105 9.52 -3.90 -10.53
N TYR A 106 9.45 -3.68 -9.21
CA TYR A 106 9.00 -4.74 -8.31
C TYR A 106 7.54 -5.11 -8.47
N HIS A 107 6.72 -4.18 -8.95
CA HIS A 107 5.28 -4.40 -9.00
C HIS A 107 4.64 -4.28 -10.38
N ASN A 108 5.44 -4.44 -11.43
N ASN A 108 5.51 -4.43 -11.39
CA ASN A 108 4.86 -4.57 -12.77
CA ASN A 108 5.23 -4.48 -12.85
C ASN A 108 3.96 -3.41 -13.14
C ASN A 108 4.36 -3.38 -13.47
N GLU A 109 4.43 -2.19 -12.89
CA GLU A 109 3.65 -1.04 -13.31
C GLU A 109 4.23 -0.47 -14.58
N ASP A 110 3.42 -0.49 -15.64
CA ASP A 110 3.81 0.06 -16.94
C ASP A 110 3.27 1.48 -17.09
N ASP A 111 3.65 2.13 -18.19
CA ASP A 111 3.27 3.52 -18.40
C ASP A 111 1.75 3.70 -18.35
N ALA A 112 1.01 2.77 -18.96
CA ALA A 112 -0.44 2.84 -19.01
C ALA A 112 -1.04 2.81 -17.60
N LEU A 113 -0.52 1.94 -16.73
CA LEU A 113 -1.02 1.92 -15.36
C LEU A 113 -0.69 3.21 -14.60
N VAL A 114 0.51 3.72 -14.84
CA VAL A 114 0.89 5.00 -14.23
C VAL A 114 -0.06 6.11 -14.68
N ALA A 115 -0.40 6.14 -15.97
CA ALA A 115 -1.33 7.15 -16.49
C ALA A 115 -2.70 7.03 -15.87
N ALA A 116 -3.17 5.79 -15.67
CA ALA A 116 -4.46 5.56 -15.04
C ALA A 116 -4.45 5.99 -13.57
N LYS A 117 -3.35 5.71 -12.88
CA LYS A 117 -3.20 6.17 -11.51
C LYS A 117 -3.15 7.69 -11.41
N ALA A 118 -2.45 8.35 -12.34
CA ALA A 118 -2.39 9.81 -12.36
C ALA A 118 -3.78 10.40 -12.55
N ALA A 119 -4.56 9.84 -13.49
CA ALA A 119 -5.93 10.31 -13.71
C ALA A 119 -6.81 10.10 -12.48
N THR A 120 -6.66 8.97 -11.80
CA THR A 120 -7.46 8.73 -10.60
C THR A 120 -7.06 9.65 -9.46
N ALA A 121 -5.77 9.93 -9.33
CA ALA A 121 -5.31 10.92 -8.35
C ALA A 121 -5.99 12.27 -8.55
N LEU A 122 -6.02 12.74 -9.79
CA LEU A 122 -6.65 14.02 -10.10
C LEU A 122 -8.14 14.01 -9.81
N LYS A 123 -8.81 12.88 -10.07
CA LYS A 123 -10.24 12.73 -9.76
C LYS A 123 -10.52 13.01 -8.29
N HIS A 124 -9.55 12.72 -7.43
CA HIS A 124 -9.69 12.89 -5.99
C HIS A 124 -9.04 14.14 -5.44
N GLY A 125 -8.63 15.03 -6.34
CA GLY A 125 -8.08 16.32 -5.97
C GLY A 125 -6.66 16.26 -5.43
N LEU A 126 -5.97 15.17 -5.72
CA LEU A 126 -4.59 14.99 -5.32
C LEU A 126 -3.68 15.46 -6.44
N THR A 127 -2.48 15.90 -6.09
CA THR A 127 -1.46 16.22 -7.08
C THR A 127 -0.57 15.00 -7.27
N PRO A 128 -0.68 14.30 -8.41
CA PRO A 128 0.23 13.17 -8.62
C PRO A 128 1.63 13.64 -8.94
N ILE A 129 2.63 12.99 -8.35
CA ILE A 129 4.02 13.19 -8.69
C ILE A 129 4.39 12.03 -9.59
N VAL A 130 4.42 12.31 -10.89
CA VAL A 130 4.59 11.28 -11.92
C VAL A 130 6.08 11.07 -12.14
N CYS A 131 6.57 9.88 -11.81
CA CYS A 131 8.02 9.60 -11.88
C CYS A 131 8.40 8.90 -13.17
N ILE A 132 9.49 9.37 -13.76
CA ILE A 132 10.07 8.76 -14.97
C ILE A 132 11.58 8.73 -14.78
N GLY A 133 12.27 7.87 -15.53
CA GLY A 133 13.72 7.82 -15.42
C GLY A 133 14.27 6.62 -16.15
N GLU A 134 15.40 6.82 -16.82
N GLU A 134 15.44 6.83 -16.74
CA GLU A 134 15.93 5.75 -17.67
CA GLU A 134 16.08 5.85 -17.60
C GLU A 134 17.06 4.97 -16.99
C GLU A 134 17.10 5.00 -16.85
N HIS A 135 17.28 3.75 -17.46
N HIS A 135 17.31 3.78 -17.34
CA HIS A 135 18.35 2.89 -16.96
CA HIS A 135 18.36 2.93 -16.82
C HIS A 135 19.74 3.22 -17.51
C HIS A 135 19.73 3.40 -17.31
N LEU A 136 20.78 2.74 -16.80
CA LEU A 136 22.18 3.09 -17.12
C LEU A 136 22.58 2.82 -18.56
N ASP A 137 22.12 1.69 -19.11
CA ASP A 137 22.41 1.32 -20.50
C ASP A 137 21.82 2.30 -21.51
N VAL A 138 20.60 2.78 -21.27
CA VAL A 138 19.99 3.81 -22.11
C VAL A 138 20.85 5.08 -22.06
N ARG A 139 21.27 5.46 -20.86
CA ARG A 139 22.18 6.58 -20.64
C ARG A 139 23.51 6.38 -21.40
N GLU A 140 24.07 5.18 -21.29
CA GLU A 140 25.31 4.80 -21.99
C GLU A 140 25.16 4.84 -23.51
N ALA A 141 24.02 4.38 -24.01
CA ALA A 141 23.73 4.45 -25.45
C ALA A 141 23.50 5.89 -25.92
N GLY A 142 23.42 6.82 -24.97
CA GLY A 142 23.21 8.24 -25.27
C GLY A 142 21.77 8.59 -25.60
N ASN A 143 20.84 7.72 -25.22
CA ASN A 143 19.45 7.84 -25.63
C ASN A 143 18.49 8.28 -24.52
N HIS A 144 19.07 8.87 -23.48
CA HIS A 144 18.34 9.30 -22.28
C HIS A 144 17.20 10.29 -22.56
N VAL A 145 17.45 11.31 -23.38
CA VAL A 145 16.38 12.29 -23.63
C VAL A 145 15.16 11.63 -24.28
N ALA A 146 15.36 10.92 -25.39
CA ALA A 146 14.24 10.34 -26.12
C ALA A 146 13.47 9.33 -25.26
N HIS A 147 14.20 8.55 -24.48
CA HIS A 147 13.57 7.53 -23.64
C HIS A 147 12.65 8.19 -22.61
N ASN A 148 13.15 9.24 -21.97
CA ASN A 148 12.37 9.97 -20.99
C ASN A 148 11.13 10.61 -21.56
N ILE A 149 11.25 11.19 -22.76
CA ILE A 149 10.10 11.78 -23.45
C ILE A 149 9.04 10.73 -23.77
N GLU A 150 9.48 9.55 -24.21
CA GLU A 150 8.55 8.49 -24.53
C GLU A 150 7.84 7.99 -23.27
N GLN A 151 8.60 7.90 -22.17
CA GLN A 151 8.02 7.45 -20.91
C GLN A 151 7.04 8.49 -20.35
N LEU A 152 7.39 9.77 -20.51
CA LEU A 152 6.50 10.87 -20.12
C LEU A 152 5.18 10.81 -20.90
N ARG A 153 5.27 10.69 -22.23
CA ARG A 153 4.10 10.61 -23.07
C ARG A 153 3.20 9.45 -22.65
N GLY A 154 3.82 8.29 -22.41
CA GLY A 154 3.06 7.11 -22.00
C GLY A 154 2.40 7.26 -20.64
N SER A 155 3.11 7.91 -19.73
CA SER A 155 2.67 8.01 -18.33
C SER A 155 1.66 9.13 -18.10
N LEU A 156 1.49 9.99 -19.11
CA LEU A 156 0.48 11.06 -19.07
C LEU A 156 -0.63 10.84 -20.10
N ALA A 157 -0.60 9.69 -20.77
CA ALA A 157 -1.59 9.39 -21.80
C ALA A 157 -3.01 9.53 -21.25
N GLY A 158 -3.89 10.16 -22.02
CA GLY A 158 -5.28 10.29 -21.62
C GLY A 158 -5.59 11.54 -20.81
N LEU A 159 -4.56 12.23 -20.34
CA LEU A 159 -4.77 13.48 -19.60
C LEU A 159 -4.91 14.65 -20.56
N LEU A 160 -5.92 15.46 -20.30
CA LEU A 160 -6.13 16.69 -21.04
C LEU A 160 -5.18 17.80 -20.57
N ALA A 161 -5.10 18.90 -21.32
CA ALA A 161 -4.15 19.97 -21.02
C ALA A 161 -4.22 20.49 -19.60
N GLU A 162 -5.45 20.76 -19.12
CA GLU A 162 -5.66 21.29 -17.76
C GLU A 162 -5.35 20.25 -16.68
N GLN A 163 -5.43 18.97 -17.06
CA GLN A 163 -5.02 17.92 -16.14
C GLN A 163 -3.52 17.86 -16.03
N ILE A 164 -2.81 18.02 -17.15
CA ILE A 164 -1.34 18.13 -17.18
CA ILE A 164 -1.36 18.07 -17.09
C ILE A 164 -0.91 19.27 -16.26
N GLY A 165 -1.65 20.38 -16.29
CA GLY A 165 -1.35 21.53 -15.46
C GLY A 165 -1.47 21.26 -13.97
N SER A 166 -2.07 20.14 -13.60
CA SER A 166 -2.28 19.77 -12.19
C SER A 166 -1.32 18.70 -11.68
N VAL A 167 -0.38 18.26 -12.52
CA VAL A 167 0.58 17.22 -12.09
C VAL A 167 1.92 17.84 -11.73
N VAL A 168 2.76 17.05 -11.06
CA VAL A 168 4.17 17.34 -10.88
C VAL A 168 4.88 16.17 -11.57
N ILE A 169 6.01 16.44 -12.22
CA ILE A 169 6.87 15.39 -12.79
C ILE A 169 8.12 15.26 -11.94
N ALA A 170 8.59 14.03 -11.73
CA ALA A 170 9.88 13.81 -11.08
C ALA A 170 10.78 12.97 -11.98
N TYR A 171 11.93 13.54 -12.30
CA TYR A 171 12.93 12.82 -13.07
C TYR A 171 13.87 12.13 -12.12
N GLU A 172 13.78 10.81 -12.14
CA GLU A 172 14.47 9.88 -11.25
CA GLU A 172 14.61 10.04 -11.24
C GLU A 172 15.47 9.08 -12.03
N PRO A 173 16.68 9.58 -12.39
CA PRO A 173 17.47 8.63 -13.18
C PRO A 173 17.65 7.40 -12.32
N VAL A 174 17.45 6.21 -12.87
N VAL A 174 17.34 6.25 -12.92
CA VAL A 174 17.49 5.01 -12.01
CA VAL A 174 17.51 4.96 -12.27
C VAL A 174 18.88 4.78 -11.39
C VAL A 174 18.86 4.43 -12.71
N TRP A 175 19.94 5.12 -12.13
N TRP A 175 19.49 5.17 -13.62
CA TRP A 175 21.33 4.98 -11.72
CA TRP A 175 20.80 4.84 -14.16
C TRP A 175 21.64 5.84 -10.52
C TRP A 175 21.97 5.15 -13.23
N ALA A 176 20.78 6.81 -10.25
N ALA A 176 21.76 6.06 -12.28
CA ALA A 176 21.01 7.79 -9.19
CA ALA A 176 22.79 6.43 -11.32
C ALA A 176 20.24 7.51 -7.91
C ALA A 176 22.54 5.69 -10.01
N ILE A 177 19.31 6.55 -7.97
N ILE A 177 21.59 4.77 -10.06
CA ILE A 177 18.45 6.27 -6.83
CA ILE A 177 21.17 3.98 -8.91
C ILE A 177 19.15 5.37 -5.83
C ILE A 177 22.35 3.38 -8.17
N GLY A 178 19.44 5.95 -4.66
N GLY A 178 22.59 2.10 -8.43
CA GLY A 178 20.05 5.23 -3.54
CA GLY A 178 23.61 1.34 -7.71
C GLY A 178 21.50 4.83 -3.71
C GLY A 178 24.87 1.09 -8.53
N THR A 179 22.13 5.28 -4.80
N THR A 179 25.66 2.15 -8.70
CA THR A 179 23.45 4.77 -5.22
CA THR A 179 26.95 2.04 -9.36
C THR A 179 24.60 5.69 -4.85
C THR A 179 27.80 3.27 -9.05
N GLY A 180 24.27 6.91 -4.41
N GLY A 180 28.79 3.52 -9.89
CA GLY A 180 25.27 7.94 -4.15
CA GLY A 180 29.67 4.66 -9.70
C GLY A 180 25.84 8.58 -5.40
C GLY A 180 29.21 5.87 -10.50
N ARG A 181 25.25 8.27 -6.55
N ARG A 181 28.18 5.68 -11.31
CA ARG A 181 25.69 8.80 -7.83
CA ARG A 181 27.66 6.74 -12.16
C ARG A 181 24.67 9.82 -8.34
C ARG A 181 26.90 7.81 -11.37
N VAL A 182 24.83 11.07 -7.93
N VAL A 182 27.30 9.07 -11.55
CA VAL A 182 23.90 12.12 -8.36
CA VAL A 182 26.66 10.17 -10.87
C VAL A 182 24.14 12.51 -9.82
C VAL A 182 26.10 11.16 -11.89
N ALA A 183 23.06 12.87 -10.51
N ALA A 183 24.90 11.67 -11.62
CA ALA A 183 23.20 13.48 -11.82
CA ALA A 183 24.29 12.67 -12.49
C ALA A 183 23.90 14.81 -11.64
C ALA A 183 24.65 14.07 -11.99
N SER A 184 24.78 15.13 -12.58
N SER A 184 24.89 15.00 -12.92
CA SER A 184 25.33 16.46 -12.63
CA SER A 184 25.26 16.37 -12.56
C SER A 184 24.15 17.39 -12.84
C SER A 184 24.08 17.33 -12.71
N ALA A 185 24.28 18.62 -12.36
CA ALA A 185 23.24 19.61 -12.54
C ALA A 185 22.91 19.81 -14.02
N ALA A 186 23.92 19.73 -14.89
CA ALA A 186 23.72 19.81 -16.34
C ALA A 186 22.93 18.60 -16.87
N ASP A 187 23.22 17.41 -16.38
CA ASP A 187 22.43 16.20 -16.73
C ASP A 187 20.96 16.37 -16.35
N ALA A 188 20.71 16.84 -15.13
CA ALA A 188 19.35 17.08 -14.66
C ALA A 188 18.64 18.13 -15.51
N GLN A 189 19.35 19.23 -15.78
CA GLN A 189 18.76 20.30 -16.57
C GLN A 189 18.40 19.86 -18.00
N GLU A 190 19.27 19.07 -18.63
CA GLU A 190 19.01 18.59 -19.99
C GLU A 190 17.69 17.82 -20.09
N VAL A 191 17.47 16.90 -19.15
CA VAL A 191 16.25 16.11 -19.17
C VAL A 191 15.04 16.93 -18.75
N CYS A 192 15.18 17.75 -17.73
CA CYS A 192 14.05 18.55 -17.27
C CYS A 192 13.59 19.61 -18.29
N ALA A 193 14.54 20.22 -19.00
CA ALA A 193 14.20 21.11 -20.09
C ALA A 193 13.45 20.37 -21.21
N ALA A 194 13.90 19.15 -21.52
CA ALA A 194 13.20 18.31 -22.51
C ALA A 194 11.79 17.92 -22.04
N ILE A 195 11.65 17.60 -20.76
CA ILE A 195 10.34 17.32 -20.18
C ILE A 195 9.39 18.51 -20.38
N ARG A 196 9.85 19.71 -20.03
CA ARG A 196 8.97 20.87 -20.15
C ARG A 196 8.58 21.18 -21.60
N LYS A 197 9.52 21.00 -22.53
CA LYS A 197 9.23 21.18 -23.96
C LYS A 197 8.11 20.24 -24.41
N GLU A 198 8.17 18.98 -23.95
CA GLU A 198 7.13 18.01 -24.27
C GLU A 198 5.81 18.34 -23.62
N LEU A 199 5.85 18.81 -22.37
CA LEU A 199 4.64 19.24 -21.70
C LEU A 199 3.94 20.37 -22.46
N ALA A 200 4.73 21.23 -23.11
CA ALA A 200 4.15 22.33 -23.89
C ALA A 200 3.38 21.81 -25.09
N SER A 201 3.82 20.69 -25.65
CA SER A 201 3.12 20.03 -26.76
CA SER A 201 3.11 20.03 -26.76
C SER A 201 1.87 19.30 -26.25
N LEU A 202 2.02 18.60 -25.12
CA LEU A 202 0.91 17.84 -24.55
C LEU A 202 -0.18 18.73 -23.95
N ALA A 203 0.19 19.93 -23.55
CA ALA A 203 -0.77 20.88 -23.01
C ALA A 203 -0.68 22.19 -23.80
N SER A 204 0.05 23.16 -23.26
CA SER A 204 0.34 24.42 -23.98
C SER A 204 1.59 25.00 -23.37
N PRO A 205 2.26 25.95 -24.06
CA PRO A 205 3.43 26.61 -23.46
C PRO A 205 3.10 27.26 -22.14
N ARG A 206 1.95 27.91 -22.04
CA ARG A 206 1.54 28.59 -20.80
C ARG A 206 1.43 27.57 -19.67
N ILE A 207 0.76 26.46 -19.92
CA ILE A 207 0.56 25.43 -18.89
C ILE A 207 1.90 24.77 -18.52
N ALA A 208 2.73 24.46 -19.50
CA ALA A 208 4.02 23.81 -19.22
C ALA A 208 4.90 24.68 -18.32
N ASP A 209 4.77 26.00 -18.44
N ASP A 209 4.75 26.00 -18.45
CA ASP A 209 5.59 26.90 -17.63
CA ASP A 209 5.52 26.96 -17.67
C ASP A 209 5.13 26.94 -16.17
C ASP A 209 5.13 26.94 -16.19
N THR A 210 3.99 26.33 -15.88
CA THR A 210 3.49 26.23 -14.48
C THR A 210 3.76 24.88 -13.85
N VAL A 211 4.14 23.88 -14.64
CA VAL A 211 4.31 22.54 -14.09
C VAL A 211 5.64 22.39 -13.36
N ARG A 212 5.60 21.92 -12.11
CA ARG A 212 6.84 21.71 -11.39
CA ARG A 212 6.82 21.69 -11.37
C ARG A 212 7.46 20.38 -11.78
N VAL A 213 8.74 20.44 -12.10
CA VAL A 213 9.51 19.30 -12.55
C VAL A 213 10.66 19.11 -11.56
N LEU A 214 10.63 18.02 -10.82
CA LEU A 214 11.59 17.79 -9.74
C LEU A 214 12.70 16.87 -10.22
N TYR A 215 13.86 16.99 -9.58
CA TYR A 215 14.91 16.02 -9.70
C TYR A 215 14.85 15.01 -8.54
N GLY A 216 15.10 13.74 -8.82
N GLY A 216 14.86 13.72 -8.91
CA GLY A 216 15.37 12.81 -7.72
CA GLY A 216 14.59 12.59 -8.00
C GLY A 216 16.56 11.94 -8.01
C GLY A 216 15.76 11.63 -7.87
N GLY A 217 17.25 11.54 -6.96
N GLY A 217 16.96 12.13 -8.15
CA GLY A 217 18.37 10.62 -7.09
CA GLY A 217 18.17 11.33 -7.97
C GLY A 217 19.60 11.15 -6.40
C GLY A 217 18.77 11.59 -6.61
N SER A 218 19.78 10.74 -5.15
N SER A 218 20.00 11.12 -6.38
CA SER A 218 20.94 11.07 -4.32
CA SER A 218 20.67 11.33 -5.11
C SER A 218 21.13 12.56 -4.00
C SER A 218 20.79 12.83 -4.81
N VAL A 219 20.02 13.28 -3.83
CA VAL A 219 20.03 14.70 -3.41
C VAL A 219 20.55 14.81 -1.97
N ASN A 220 21.53 15.69 -1.76
CA ASN A 220 22.01 16.06 -0.41
C ASN A 220 22.40 17.54 -0.30
N ALA A 221 22.88 17.97 0.86
CA ALA A 221 23.13 19.40 1.10
C ALA A 221 24.22 19.99 0.20
N LYS A 222 25.13 19.14 -0.26
CA LYS A 222 26.25 19.62 -1.09
C LYS A 222 25.91 19.73 -2.59
N ASN A 223 24.84 19.06 -3.04
CA ASN A 223 24.46 19.08 -4.45
C ASN A 223 23.11 19.71 -4.77
N VAL A 224 22.26 19.89 -3.76
CA VAL A 224 20.90 20.33 -4.03
C VAL A 224 20.85 21.72 -4.64
N GLY A 225 21.76 22.59 -4.20
CA GLY A 225 21.80 23.98 -4.66
C GLY A 225 22.07 24.12 -6.14
N ASP A 226 23.10 23.44 -6.63
CA ASP A 226 23.44 23.41 -8.07
C ASP A 226 22.23 22.91 -8.88
N ILE A 227 21.55 21.88 -8.36
CA ILE A 227 20.47 21.23 -9.09
C ILE A 227 19.21 22.09 -9.17
N VAL A 228 18.77 22.62 -8.05
CA VAL A 228 17.55 23.42 -8.02
CA VAL A 228 17.55 23.42 -8.04
C VAL A 228 17.77 24.81 -8.67
N ALA A 229 19.03 25.24 -8.78
CA ALA A 229 19.37 26.49 -9.47
C ALA A 229 19.14 26.40 -10.97
N GLN A 230 19.06 25.18 -11.50
CA GLN A 230 18.86 24.98 -12.94
C GLN A 230 17.51 25.51 -13.42
N ASP A 231 17.48 26.09 -14.63
CA ASP A 231 16.28 26.80 -15.10
C ASP A 231 15.00 25.97 -15.09
N ASP A 232 15.14 24.70 -15.41
CA ASP A 232 13.97 23.85 -15.59
C ASP A 232 13.74 22.86 -14.45
N VAL A 233 14.53 22.97 -13.39
CA VAL A 233 14.40 22.09 -12.24
C VAL A 233 13.74 22.88 -11.11
N ASP A 234 12.64 22.32 -10.57
CA ASP A 234 11.83 23.06 -9.60
C ASP A 234 11.85 22.49 -8.19
N GLY A 235 12.82 21.64 -7.90
CA GLY A 235 12.93 21.04 -6.57
C GLY A 235 13.41 19.64 -6.62
N GLY A 236 13.09 18.89 -5.56
CA GLY A 236 13.63 17.57 -5.37
C GLY A 236 12.62 16.60 -4.81
N LEU A 237 12.69 15.35 -5.27
CA LEU A 237 11.99 14.22 -4.64
C LEU A 237 13.11 13.47 -3.95
N VAL A 238 13.18 13.60 -2.64
CA VAL A 238 14.34 13.20 -1.84
C VAL A 238 14.06 11.85 -1.22
N GLY A 239 14.99 10.92 -1.35
CA GLY A 239 14.85 9.60 -0.71
C GLY A 239 15.50 9.56 0.67
N GLY A 240 16.68 8.98 0.74
CA GLY A 240 17.36 8.72 2.02
C GLY A 240 17.50 9.91 2.95
N ALA A 241 17.87 11.06 2.39
CA ALA A 241 18.03 12.28 3.19
C ALA A 241 16.73 12.77 3.84
N SER A 242 15.58 12.28 3.41
N SER A 242 15.58 12.27 3.38
CA SER A 242 14.32 12.73 3.99
CA SER A 242 14.27 12.61 3.94
C SER A 242 14.01 12.08 5.34
C SER A 242 14.11 12.16 5.38
N LEU A 243 14.79 11.07 5.72
CA LEU A 243 14.58 10.37 6.99
C LEU A 243 15.26 11.04 8.19
N ASP A 244 16.09 12.04 7.91
CA ASP A 244 16.76 12.81 8.97
C ASP A 244 16.16 14.22 8.93
N GLY A 245 15.49 14.63 9.99
CA GLY A 245 14.72 15.86 9.97
C GLY A 245 15.57 17.10 9.75
N GLU A 246 16.74 17.15 10.38
CA GLU A 246 17.64 18.29 10.22
C GLU A 246 18.19 18.37 8.80
N HIS A 247 18.61 17.23 8.27
CA HIS A 247 19.11 17.20 6.89
C HIS A 247 18.03 17.61 5.91
N PHE A 248 16.83 17.07 6.08
CA PHE A 248 15.73 17.41 5.20
C PHE A 248 15.37 18.90 5.24
N ALA A 249 15.30 19.48 6.44
CA ALA A 249 15.07 20.91 6.62
C ALA A 249 16.13 21.76 5.90
N THR A 250 17.38 21.31 6.01
CA THR A 250 18.50 21.98 5.32
C THR A 250 18.30 22.01 3.80
N LEU A 251 17.86 20.89 3.23
CA LEU A 251 17.56 20.83 1.80
C LEU A 251 16.50 21.84 1.42
N ALA A 252 15.44 21.92 2.21
CA ALA A 252 14.38 22.89 1.97
C ALA A 252 14.87 24.33 2.04
N ALA A 253 15.70 24.64 3.05
CA ALA A 253 16.25 26.00 3.21
C ALA A 253 17.11 26.38 2.00
N ILE A 254 17.94 25.44 1.53
CA ILE A 254 18.76 25.71 0.33
C ILE A 254 17.88 25.95 -0.90
N ALA A 255 16.88 25.09 -1.12
CA ALA A 255 15.98 25.26 -2.28
C ALA A 255 15.19 26.58 -2.25
N ALA A 256 14.89 27.08 -1.05
CA ALA A 256 14.18 28.35 -0.90
C ALA A 256 15.01 29.54 -1.40
N GLY A 257 16.32 29.44 -1.19
CA GLY A 257 17.27 30.47 -1.63
C GLY A 257 17.12 31.80 -0.88
N SER B 2 -12.85 -27.72 21.41
CA SER B 2 -12.70 -27.80 19.93
C SER B 2 -11.95 -26.56 19.42
N ARG B 3 -12.26 -26.13 18.19
CA ARG B 3 -11.73 -24.87 17.70
C ARG B 3 -12.80 -23.81 17.82
N LYS B 4 -12.44 -22.67 18.40
CA LYS B 4 -13.35 -21.54 18.55
C LYS B 4 -13.57 -20.87 17.18
N PRO B 5 -14.82 -20.65 16.79
CA PRO B 5 -15.02 -20.04 15.45
C PRO B 5 -14.45 -18.62 15.37
N LEU B 6 -14.08 -18.23 14.15
CA LEU B 6 -13.50 -16.92 13.84
C LEU B 6 -14.26 -16.32 12.67
N ILE B 7 -14.80 -15.13 12.88
CA ILE B 7 -15.45 -14.37 11.82
C ILE B 7 -14.58 -13.14 11.57
N ALA B 8 -13.95 -13.10 10.40
CA ALA B 8 -13.03 -12.01 10.05
C ALA B 8 -13.61 -11.26 8.87
N GLY B 9 -13.80 -9.96 9.03
CA GLY B 9 -14.39 -9.14 7.97
C GLY B 9 -13.36 -8.43 7.09
N ASN B 10 -13.24 -8.90 5.86
CA ASN B 10 -12.35 -8.27 4.88
C ASN B 10 -13.09 -7.12 4.22
N TRP B 11 -12.72 -5.91 4.61
CA TRP B 11 -13.39 -4.72 4.07
C TRP B 11 -12.98 -4.47 2.62
N LYS B 12 -11.89 -5.09 2.19
CA LYS B 12 -11.29 -4.83 0.85
C LYS B 12 -11.04 -3.30 0.71
N MET B 13 -11.11 -2.75 -0.49
CA MET B 13 -10.78 -1.33 -0.67
C MET B 13 -12.05 -0.50 -0.49
N ASN B 14 -12.52 -0.46 0.75
CA ASN B 14 -13.72 0.32 1.07
C ASN B 14 -13.53 0.94 2.45
N LEU B 15 -14.06 2.15 2.57
CA LEU B 15 -14.24 2.93 3.82
C LEU B 15 -13.07 3.80 4.18
N ASN B 16 -13.30 5.11 4.20
CA ASN B 16 -12.32 6.08 4.66
C ASN B 16 -12.23 6.03 6.20
N HIS B 17 -11.37 6.85 6.80
CA HIS B 17 -11.12 6.71 8.24
C HIS B 17 -12.31 7.11 9.10
N TYR B 18 -13.13 8.03 8.61
CA TYR B 18 -14.36 8.39 9.33
C TYR B 18 -15.34 7.24 9.27
N GLU B 19 -15.50 6.65 8.09
CA GLU B 19 -16.40 5.51 7.93
C GLU B 19 -15.93 4.29 8.73
N ALA B 20 -14.61 4.13 8.88
CA ALA B 20 -14.04 3.05 9.68
C ALA B 20 -14.44 3.16 11.15
N ILE B 21 -14.32 4.36 11.70
CA ILE B 21 -14.70 4.61 13.08
C ILE B 21 -16.19 4.33 13.28
N ALA B 22 -17.01 4.84 12.36
CA ALA B 22 -18.46 4.60 12.45
C ALA B 22 -18.80 3.11 12.43
N LEU B 23 -18.14 2.35 11.55
CA LEU B 23 -18.44 0.94 11.42
C LEU B 23 -18.02 0.18 12.66
N VAL B 24 -16.82 0.44 13.18
CA VAL B 24 -16.37 -0.27 14.37
C VAL B 24 -17.31 0.03 15.55
N GLN B 25 -17.71 1.29 15.69
N GLN B 25 -17.69 1.29 15.71
CA GLN B 25 -18.65 1.64 16.76
CA GLN B 25 -18.67 1.65 16.74
C GLN B 25 -20.03 0.98 16.57
C GLN B 25 -19.95 0.85 16.56
N LYS B 26 -20.45 0.78 15.33
CA LYS B 26 -21.73 0.10 15.07
C LYS B 26 -21.64 -1.38 15.39
N ILE B 27 -20.54 -2.01 15.01
CA ILE B 27 -20.32 -3.41 15.37
C ILE B 27 -20.33 -3.58 16.89
N ALA B 28 -19.58 -2.72 17.59
CA ALA B 28 -19.48 -2.80 19.05
C ALA B 28 -20.85 -2.59 19.71
N PHE B 29 -21.65 -1.69 19.14
CA PHE B 29 -22.99 -1.43 19.67
C PHE B 29 -23.92 -2.62 19.44
N SER B 30 -23.76 -3.29 18.29
CA SER B 30 -24.72 -4.28 17.82
C SER B 30 -24.51 -5.70 18.33
N LEU B 31 -23.28 -6.06 18.67
CA LEU B 31 -23.00 -7.44 19.07
C LEU B 31 -22.96 -7.56 20.59
N PRO B 32 -23.96 -8.24 21.17
CA PRO B 32 -23.91 -8.44 22.63
C PRO B 32 -22.60 -9.07 23.12
N ASP B 33 -22.09 -8.56 24.23
CA ASP B 33 -20.83 -9.02 24.83
C ASP B 33 -20.71 -10.53 25.00
N LYS B 34 -21.83 -11.19 25.37
CA LYS B 34 -21.83 -12.63 25.64
C LYS B 34 -21.28 -13.44 24.45
N TYR B 35 -21.44 -12.91 23.25
CA TYR B 35 -21.02 -13.65 22.07
C TYR B 35 -19.50 -13.83 21.94
N TYR B 36 -18.71 -12.88 22.45
CA TYR B 36 -17.25 -12.97 22.32
C TYR B 36 -16.63 -14.18 23.01
N ASP B 37 -17.33 -14.75 23.98
CA ASP B 37 -16.86 -15.95 24.65
C ASP B 37 -16.97 -17.18 23.75
N ARG B 38 -17.79 -17.05 22.71
CA ARG B 38 -18.10 -18.16 21.80
C ARG B 38 -17.62 -17.98 20.35
N VAL B 39 -17.22 -16.77 19.98
CA VAL B 39 -16.74 -16.49 18.62
C VAL B 39 -15.72 -15.37 18.72
N ASP B 40 -14.62 -15.51 17.98
CA ASP B 40 -13.67 -14.41 17.80
C ASP B 40 -14.08 -13.61 16.59
N VAL B 41 -14.01 -12.29 16.73
CA VAL B 41 -14.46 -11.37 15.70
C VAL B 41 -13.31 -10.40 15.36
N ALA B 42 -13.03 -10.24 14.07
CA ALA B 42 -11.98 -9.33 13.61
C ALA B 42 -12.46 -8.51 12.43
N VAL B 43 -11.97 -7.28 12.34
CA VAL B 43 -12.16 -6.44 11.15
C VAL B 43 -10.82 -6.24 10.47
N ILE B 44 -10.86 -6.20 9.13
CA ILE B 44 -9.65 -6.09 8.32
CA ILE B 44 -9.65 -6.07 8.33
C ILE B 44 -9.77 -4.87 7.38
N PRO B 45 -9.49 -3.68 7.90
CA PRO B 45 -9.62 -2.44 7.12
C PRO B 45 -8.45 -2.17 6.18
N PRO B 46 -8.64 -1.21 5.26
CA PRO B 46 -7.51 -0.66 4.50
C PRO B 46 -6.41 -0.11 5.40
N PHE B 47 -5.18 -0.08 4.88
CA PHE B 47 -4.02 0.36 5.65
C PHE B 47 -4.24 1.71 6.34
N THR B 48 -4.89 2.63 5.62
CA THR B 48 -5.02 4.01 6.05
C THR B 48 -6.02 4.17 7.21
N ASP B 49 -6.80 3.11 7.50
CA ASP B 49 -7.80 3.11 8.60
C ASP B 49 -7.28 2.47 9.88
N LEU B 50 -6.07 1.91 9.84
CA LEU B 50 -5.64 1.08 10.98
C LEU B 50 -5.41 1.85 12.27
N ARG B 51 -4.74 2.99 12.19
CA ARG B 51 -4.54 3.80 13.40
C ARG B 51 -5.86 4.20 14.05
N SER B 52 -6.83 4.59 13.23
CA SER B 52 -8.15 4.98 13.76
C SER B 52 -8.80 3.80 14.49
N VAL B 53 -8.71 2.61 13.91
CA VAL B 53 -9.32 1.44 14.53
C VAL B 53 -8.57 1.09 15.80
N GLN B 54 -7.23 1.17 15.77
CA GLN B 54 -6.44 0.92 16.98
C GLN B 54 -6.88 1.79 18.15
N THR B 55 -7.04 3.08 17.90
CA THR B 55 -7.31 3.94 19.03
CA THR B 55 -7.46 4.08 18.93
C THR B 55 -8.73 3.66 19.62
N LEU B 56 -9.69 3.26 18.79
CA LEU B 56 -11.02 2.87 19.27
C LEU B 56 -10.98 1.57 20.07
N VAL B 57 -10.32 0.56 19.50
CA VAL B 57 -10.25 -0.75 20.13
C VAL B 57 -9.54 -0.64 21.46
N ASP B 58 -8.42 0.09 21.49
CA ASP B 58 -7.68 0.22 22.75
C ASP B 58 -8.43 1.11 23.75
N GLY B 59 -8.95 2.24 23.27
CA GLY B 59 -9.63 3.23 24.14
C GLY B 59 -10.96 2.77 24.70
N ASP B 60 -11.70 1.99 23.92
CA ASP B 60 -13.00 1.45 24.36
C ASP B 60 -12.89 0.04 24.92
N LYS B 61 -11.67 -0.49 24.99
CA LYS B 61 -11.41 -1.86 25.47
C LYS B 61 -12.24 -2.91 24.71
N LEU B 62 -12.32 -2.78 23.39
CA LEU B 62 -13.18 -3.65 22.61
C LEU B 62 -12.60 -5.03 22.52
N ARG B 63 -13.51 -6.01 22.43
CA ARG B 63 -13.10 -7.39 22.35
C ARG B 63 -12.88 -7.83 20.91
N LEU B 64 -13.34 -7.03 19.96
CA LEU B 64 -12.99 -7.36 18.59
C LEU B 64 -11.51 -7.07 18.36
N THR B 65 -10.93 -7.83 17.44
CA THR B 65 -9.53 -7.62 17.03
C THR B 65 -9.51 -7.13 15.56
N TYR B 66 -8.32 -6.90 15.03
CA TYR B 66 -8.25 -6.35 13.67
C TYR B 66 -6.96 -6.76 12.98
N GLY B 67 -6.93 -6.53 11.68
CA GLY B 67 -5.74 -6.87 10.91
C GLY B 67 -5.70 -6.08 9.62
N ALA B 68 -4.68 -6.39 8.82
CA ALA B 68 -4.46 -5.73 7.54
C ALA B 68 -4.66 -6.69 6.40
N GLN B 69 -4.72 -6.12 5.19
CA GLN B 69 -5.04 -6.89 3.99
C GLN B 69 -3.86 -7.39 3.17
N ASP B 70 -2.64 -7.01 3.55
CA ASP B 70 -1.41 -7.42 2.85
C ASP B 70 -0.23 -6.91 3.65
N LEU B 71 0.97 -7.36 3.29
CA LEU B 71 2.23 -6.81 3.81
C LEU B 71 3.37 -7.15 2.87
N SER B 72 4.46 -6.40 2.98
CA SER B 72 5.68 -6.67 2.23
C SER B 72 6.41 -7.92 2.73
N PRO B 73 7.14 -8.63 1.84
CA PRO B 73 7.99 -9.70 2.37
C PRO B 73 9.20 -9.14 3.11
N HIS B 74 9.47 -7.85 2.99
CA HIS B 74 10.64 -7.21 3.64
C HIS B 74 10.26 -6.39 4.87
N ASP B 75 11.21 -6.17 5.77
CA ASP B 75 10.94 -5.43 7.00
C ASP B 75 10.98 -3.91 6.81
N SER B 76 11.86 -3.45 5.95
CA SER B 76 12.04 -2.03 5.70
C SER B 76 12.80 -1.81 4.43
N GLY B 77 12.80 -0.58 3.96
CA GLY B 77 13.74 -0.16 2.93
C GLY B 77 13.10 0.48 1.72
N ALA B 78 13.81 0.37 0.62
CA ALA B 78 13.51 1.09 -0.61
C ALA B 78 12.46 0.34 -1.44
N TYR B 79 11.24 0.37 -0.90
CA TYR B 79 10.08 -0.30 -1.49
C TYR B 79 8.92 0.69 -1.48
N THR B 80 9.01 1.74 -2.31
CA THR B 80 8.02 2.81 -2.35
C THR B 80 6.61 2.24 -2.54
N GLY B 81 5.71 2.66 -1.65
CA GLY B 81 4.33 2.21 -1.66
C GLY B 81 3.98 1.02 -0.79
N ASP B 82 4.98 0.28 -0.32
CA ASP B 82 4.72 -0.98 0.38
C ASP B 82 4.71 -0.78 1.91
N VAL B 83 3.99 -1.68 2.58
CA VAL B 83 3.77 -1.59 4.04
C VAL B 83 4.42 -2.76 4.77
N SER B 84 5.16 -2.45 5.83
CA SER B 84 5.87 -3.46 6.60
C SER B 84 5.04 -4.07 7.71
N GLY B 85 5.25 -5.36 7.92
CA GLY B 85 4.71 -6.03 9.11
C GLY B 85 5.13 -5.38 10.43
N ALA B 86 6.28 -4.72 10.46
CA ALA B 86 6.70 -3.99 11.66
C ALA B 86 5.71 -2.87 11.96
N PHE B 87 5.23 -2.19 10.91
CA PHE B 87 4.27 -1.11 11.10
C PHE B 87 2.92 -1.68 11.60
N LEU B 88 2.51 -2.79 11.01
CA LEU B 88 1.26 -3.44 11.42
C LEU B 88 1.28 -3.88 12.88
N ALA B 89 2.41 -4.45 13.31
CA ALA B 89 2.56 -4.88 14.70
C ALA B 89 2.45 -3.70 15.66
N LYS B 90 3.12 -2.58 15.32
CA LYS B 90 3.06 -1.37 16.16
C LYS B 90 1.66 -0.77 16.23
N LEU B 91 0.84 -1.00 15.20
CA LEU B 91 -0.57 -0.59 15.21
C LEU B 91 -1.49 -1.57 15.92
N GLY B 92 -0.90 -2.62 16.50
CA GLY B 92 -1.69 -3.59 17.27
C GLY B 92 -2.50 -4.57 16.46
N CYS B 93 -2.18 -4.71 15.17
CA CYS B 93 -2.83 -5.75 14.35
C CYS B 93 -2.58 -7.13 14.91
N SER B 94 -3.63 -7.95 14.88
CA SER B 94 -3.55 -9.38 15.22
C SER B 94 -3.34 -10.25 13.99
N TYR B 95 -3.90 -9.81 12.85
CA TYR B 95 -3.93 -10.61 11.62
C TYR B 95 -3.36 -9.86 10.45
N VAL B 96 -2.96 -10.62 9.44
CA VAL B 96 -2.75 -10.01 8.11
C VAL B 96 -3.12 -11.04 7.06
N VAL B 97 -3.89 -10.60 6.06
CA VAL B 97 -4.30 -11.47 4.97
C VAL B 97 -3.14 -11.57 3.99
N VAL B 98 -2.81 -12.80 3.58
CA VAL B 98 -1.76 -13.02 2.56
C VAL B 98 -2.30 -13.89 1.46
N GLY B 99 -1.99 -13.54 0.22
CA GLY B 99 -2.41 -14.33 -0.93
C GLY B 99 -3.89 -14.30 -1.26
N HIS B 100 -4.60 -13.24 -0.87
CA HIS B 100 -5.98 -13.11 -1.29
C HIS B 100 -6.10 -13.28 -2.81
N SER B 101 -7.16 -13.93 -3.26
CA SER B 101 -7.35 -14.15 -4.72
C SER B 101 -7.24 -12.85 -5.53
N GLU B 102 -7.67 -11.73 -4.97
CA GLU B 102 -7.58 -10.46 -5.73
C GLU B 102 -6.14 -10.04 -5.93
N ARG B 103 -5.27 -10.29 -4.95
CA ARG B 103 -3.85 -10.02 -5.13
C ARG B 103 -3.19 -11.05 -6.05
N ARG B 104 -3.63 -12.31 -6.01
CA ARG B 104 -3.09 -13.26 -6.97
C ARG B 104 -3.48 -12.90 -8.38
N THR B 105 -4.68 -12.35 -8.58
CA THR B 105 -5.17 -12.03 -9.91
C THR B 105 -4.62 -10.69 -10.39
N TYR B 106 -4.77 -9.64 -9.60
CA TYR B 106 -4.43 -8.30 -10.07
C TYR B 106 -2.98 -7.94 -9.89
N HIS B 107 -2.32 -8.59 -8.95
CA HIS B 107 -0.95 -8.25 -8.61
C HIS B 107 0.05 -9.37 -8.78
N ASN B 108 -0.37 -10.45 -9.47
N ASN B 108 -0.36 -10.42 -9.49
CA ASN B 108 0.54 -11.51 -9.91
CA ASN B 108 0.49 -11.55 -9.86
C ASN B 108 1.16 -12.37 -8.78
C ASN B 108 1.30 -12.13 -8.70
N GLU B 109 0.60 -12.33 -7.57
CA GLU B 109 1.22 -13.00 -6.43
C GLU B 109 1.20 -14.50 -6.61
N ASP B 110 2.36 -15.12 -6.49
CA ASP B 110 2.47 -16.58 -6.62
C ASP B 110 2.58 -17.25 -5.27
N ASP B 111 2.47 -18.58 -5.24
CA ASP B 111 2.52 -19.30 -3.97
C ASP B 111 3.80 -18.99 -3.19
N ALA B 112 4.94 -18.90 -3.88
CA ALA B 112 6.20 -18.67 -3.19
C ALA B 112 6.23 -17.30 -2.52
N LEU B 113 5.67 -16.27 -3.17
CA LEU B 113 5.59 -14.96 -2.57
C LEU B 113 4.65 -14.96 -1.37
N VAL B 114 3.54 -15.67 -1.48
CA VAL B 114 2.62 -15.80 -0.35
C VAL B 114 3.32 -16.46 0.84
N ALA B 115 4.12 -17.51 0.58
CA ALA B 115 4.82 -18.20 1.64
C ALA B 115 5.82 -17.28 2.32
N ALA B 116 6.51 -16.43 1.55
CA ALA B 116 7.44 -15.45 2.11
C ALA B 116 6.72 -14.40 2.97
N LYS B 117 5.54 -13.96 2.51
CA LYS B 117 4.72 -13.01 3.25
C LYS B 117 4.20 -13.63 4.55
N ALA B 118 3.79 -14.90 4.50
CA ALA B 118 3.36 -15.61 5.72
C ALA B 118 4.51 -15.67 6.73
N ALA B 119 5.72 -16.00 6.28
CA ALA B 119 6.85 -16.05 7.18
C ALA B 119 7.17 -14.68 7.79
N THR B 120 7.12 -13.63 6.97
CA THR B 120 7.37 -12.28 7.47
C THR B 120 6.28 -11.85 8.48
N ALA B 121 5.02 -12.20 8.21
CA ALA B 121 3.95 -11.93 9.17
C ALA B 121 4.29 -12.55 10.53
N LEU B 122 4.67 -13.82 10.54
CA LEU B 122 4.97 -14.50 11.80
C LEU B 122 6.19 -13.87 12.49
N LYS B 123 7.18 -13.41 11.71
CA LYS B 123 8.35 -12.74 12.29
C LYS B 123 7.96 -11.52 13.09
N HIS B 124 6.89 -10.85 12.68
CA HIS B 124 6.39 -9.66 13.35
C HIS B 124 5.24 -9.91 14.32
N GLY B 125 5.02 -11.18 14.66
CA GLY B 125 4.01 -11.52 15.65
C GLY B 125 2.57 -11.45 15.16
N LEU B 126 2.40 -11.40 13.84
CA LEU B 126 1.06 -11.36 13.23
C LEU B 126 0.61 -12.77 12.86
N THR B 127 -0.70 -13.00 12.92
CA THR B 127 -1.27 -14.25 12.45
C THR B 127 -1.63 -14.07 10.97
N PRO B 128 -0.91 -14.74 10.05
CA PRO B 128 -1.31 -14.61 8.65
C PRO B 128 -2.55 -15.44 8.37
N ILE B 129 -3.47 -14.88 7.59
CA ILE B 129 -4.60 -15.60 7.03
C ILE B 129 -4.21 -15.93 5.60
N VAL B 130 -3.79 -17.18 5.40
CA VAL B 130 -3.21 -17.62 4.15
C VAL B 130 -4.35 -18.10 3.25
N CYS B 131 -4.56 -17.37 2.15
CA CYS B 131 -5.70 -17.65 1.26
C CYS B 131 -5.28 -18.51 0.09
N ILE B 132 -6.10 -19.51 -0.18
CA ILE B 132 -5.93 -20.39 -1.36
C ILE B 132 -7.29 -20.61 -2.01
N GLY B 133 -7.30 -21.07 -3.25
CA GLY B 133 -8.57 -21.41 -3.87
C GLY B 133 -8.49 -21.56 -5.38
N GLU B 134 -9.21 -22.54 -5.90
CA GLU B 134 -9.12 -22.88 -7.34
C GLU B 134 -10.12 -22.15 -8.21
N HIS B 135 -9.72 -21.94 -9.47
N HIS B 135 -9.71 -21.96 -9.47
CA HIS B 135 -10.54 -21.22 -10.42
CA HIS B 135 -10.49 -21.26 -10.47
C HIS B 135 -11.47 -22.16 -11.19
C HIS B 135 -11.50 -22.17 -11.16
N LEU B 136 -12.37 -21.59 -11.99
CA LEU B 136 -13.43 -22.37 -12.65
C LEU B 136 -12.94 -23.56 -13.48
N ASP B 137 -11.91 -23.35 -14.30
CA ASP B 137 -11.44 -24.44 -15.16
C ASP B 137 -11.01 -25.66 -14.36
N VAL B 138 -10.31 -25.43 -13.25
CA VAL B 138 -9.89 -26.50 -12.37
C VAL B 138 -11.09 -27.21 -11.72
N ARG B 139 -12.05 -26.43 -11.22
CA ARG B 139 -13.25 -27.03 -10.62
C ARG B 139 -14.00 -27.89 -11.65
N GLU B 140 -14.11 -27.39 -12.87
CA GLU B 140 -14.81 -28.11 -13.95
C GLU B 140 -14.12 -29.45 -14.28
N ALA B 141 -12.81 -29.52 -14.06
CA ALA B 141 -12.05 -30.75 -14.33
C ALA B 141 -12.24 -31.81 -13.24
N GLY B 142 -12.70 -31.39 -12.07
CA GLY B 142 -12.90 -32.27 -10.92
C GLY B 142 -11.64 -32.57 -10.12
N ASN B 143 -10.56 -31.85 -10.45
CA ASN B 143 -9.22 -31.96 -9.85
C ASN B 143 -9.01 -30.97 -8.70
N HIS B 144 -10.11 -30.43 -8.19
CA HIS B 144 -10.00 -29.29 -7.31
C HIS B 144 -9.35 -29.55 -5.95
N VAL B 145 -9.61 -30.70 -5.34
CA VAL B 145 -8.96 -30.96 -4.06
C VAL B 145 -7.43 -30.97 -4.20
N ALA B 146 -6.91 -31.70 -5.19
CA ALA B 146 -5.48 -31.79 -5.37
C ALA B 146 -4.85 -30.42 -5.69
N HIS B 147 -5.55 -29.61 -6.49
CA HIS B 147 -5.03 -28.28 -6.83
C HIS B 147 -4.91 -27.41 -5.58
N ASN B 148 -5.92 -27.48 -4.72
CA ASN B 148 -5.88 -26.75 -3.46
C ASN B 148 -4.78 -27.24 -2.52
N ILE B 149 -4.57 -28.56 -2.46
CA ILE B 149 -3.53 -29.09 -1.60
C ILE B 149 -2.12 -28.65 -2.06
N GLU B 150 -1.89 -28.64 -3.38
CA GLU B 150 -0.62 -28.14 -3.90
C GLU B 150 -0.44 -26.64 -3.64
N GLN B 151 -1.51 -25.86 -3.80
CA GLN B 151 -1.43 -24.44 -3.52
C GLN B 151 -1.16 -24.17 -2.04
N LEU B 152 -1.79 -24.96 -1.18
CA LEU B 152 -1.53 -24.88 0.25
C LEU B 152 -0.05 -25.18 0.60
N ARG B 153 0.47 -26.28 0.06
N ARG B 153 0.44 -26.31 0.10
CA ARG B 153 1.86 -26.69 0.31
CA ARG B 153 1.85 -26.71 0.27
C ARG B 153 2.83 -25.61 -0.18
C ARG B 153 2.75 -25.54 -0.14
N GLY B 154 2.56 -25.04 -1.35
CA GLY B 154 3.41 -23.98 -1.89
C GLY B 154 3.32 -22.70 -1.08
N SER B 155 2.11 -22.38 -0.61
CA SER B 155 1.89 -21.12 0.11
C SER B 155 2.34 -21.16 1.57
N LEU B 156 2.68 -22.37 2.06
CA LEU B 156 3.24 -22.55 3.39
C LEU B 156 4.69 -23.00 3.36
N ALA B 157 5.28 -23.05 2.16
CA ALA B 157 6.66 -23.55 2.01
C ALA B 157 7.61 -22.74 2.85
N GLY B 158 8.56 -23.42 3.46
CA GLY B 158 9.54 -22.75 4.28
C GLY B 158 9.14 -22.57 5.74
N LEU B 159 7.88 -22.86 6.07
CA LEU B 159 7.43 -22.80 7.45
C LEU B 159 7.64 -24.14 8.13
N LEU B 160 8.17 -24.08 9.34
CA LEU B 160 8.32 -25.29 10.14
C LEU B 160 6.98 -25.71 10.73
N ALA B 161 6.89 -26.98 11.16
CA ALA B 161 5.64 -27.54 11.68
C ALA B 161 5.03 -26.66 12.77
N GLU B 162 5.86 -26.20 13.71
CA GLU B 162 5.34 -25.37 14.79
C GLU B 162 4.77 -24.04 14.29
N GLN B 163 5.41 -23.48 13.26
CA GLN B 163 4.92 -22.24 12.65
C GLN B 163 3.56 -22.41 11.98
N ILE B 164 3.33 -23.56 11.38
CA ILE B 164 2.03 -23.85 10.74
C ILE B 164 0.91 -23.78 11.81
N GLY B 165 1.20 -24.14 13.06
CA GLY B 165 0.25 -23.97 14.16
C GLY B 165 -0.15 -22.53 14.48
N SER B 166 0.58 -21.56 13.91
CA SER B 166 0.39 -20.15 14.19
C SER B 166 -0.27 -19.42 13.00
N VAL B 167 -0.69 -20.18 12.00
CA VAL B 167 -1.39 -19.59 10.85
C VAL B 167 -2.88 -19.90 10.84
N VAL B 168 -3.62 -19.13 10.06
CA VAL B 168 -5.01 -19.41 9.75
C VAL B 168 -5.05 -19.63 8.24
N ILE B 169 -5.86 -20.57 7.76
CA ILE B 169 -6.05 -20.77 6.32
C ILE B 169 -7.45 -20.29 5.94
N ALA B 170 -7.59 -19.71 4.76
CA ALA B 170 -8.91 -19.39 4.22
C ALA B 170 -9.05 -19.99 2.82
N TYR B 171 -10.13 -20.75 2.62
CA TYR B 171 -10.45 -21.30 1.30
C TYR B 171 -11.40 -20.38 0.54
N GLU B 172 -10.94 -19.84 -0.59
CA GLU B 172 -11.79 -19.03 -1.46
C GLU B 172 -12.19 -19.85 -2.68
N PRO B 173 -13.50 -20.16 -2.83
CA PRO B 173 -13.92 -20.90 -4.02
C PRO B 173 -14.02 -19.90 -5.19
N VAL B 174 -12.86 -19.61 -5.78
CA VAL B 174 -12.77 -18.58 -6.82
C VAL B 174 -13.68 -18.93 -8.01
N TRP B 175 -13.82 -20.24 -8.27
CA TRP B 175 -14.76 -20.77 -9.25
C TRP B 175 -16.23 -20.34 -9.06
N ALA B 176 -16.57 -19.90 -7.85
CA ALA B 176 -17.93 -19.51 -7.47
C ALA B 176 -17.98 -18.02 -7.14
N ILE B 177 -16.98 -17.29 -7.57
CA ILE B 177 -16.92 -15.88 -7.20
C ILE B 177 -16.98 -15.15 -8.53
N GLY B 178 -18.16 -14.65 -8.86
CA GLY B 178 -18.38 -13.93 -10.12
C GLY B 178 -18.59 -14.73 -11.40
N THR B 179 -18.93 -16.02 -11.27
CA THR B 179 -19.13 -16.92 -12.42
C THR B 179 -20.56 -17.39 -12.61
N GLY B 180 -21.42 -17.10 -11.64
CA GLY B 180 -22.77 -17.67 -11.61
C GLY B 180 -22.87 -19.03 -10.92
N ARG B 181 -21.73 -19.65 -10.61
CA ARG B 181 -21.66 -20.89 -9.82
C ARG B 181 -21.85 -20.60 -8.32
N VAL B 182 -22.38 -21.59 -7.59
CA VAL B 182 -22.60 -21.44 -6.14
C VAL B 182 -21.90 -22.59 -5.42
N ALA B 183 -21.14 -22.24 -4.38
CA ALA B 183 -20.48 -23.24 -3.55
C ALA B 183 -21.34 -23.55 -2.33
N SER B 184 -21.62 -24.84 -2.16
CA SER B 184 -22.43 -25.30 -1.02
C SER B 184 -21.58 -25.44 0.23
N ALA B 185 -22.24 -25.56 1.39
CA ALA B 185 -21.53 -25.87 2.62
C ALA B 185 -20.78 -27.20 2.49
N ALA B 186 -21.37 -28.16 1.79
CA ALA B 186 -20.68 -29.44 1.53
C ALA B 186 -19.41 -29.26 0.67
N ASP B 187 -19.45 -28.35 -0.30
CA ASP B 187 -18.24 -28.03 -1.08
C ASP B 187 -17.16 -27.44 -0.17
N ALA B 188 -17.54 -26.55 0.74
CA ALA B 188 -16.59 -25.98 1.69
C ALA B 188 -15.97 -27.08 2.55
N GLN B 189 -16.81 -27.97 3.05
CA GLN B 189 -16.35 -29.07 3.90
C GLN B 189 -15.35 -29.98 3.18
N GLU B 190 -15.63 -30.27 1.92
CA GLU B 190 -14.74 -31.18 1.16
C GLU B 190 -13.33 -30.59 1.11
N VAL B 191 -13.23 -29.32 0.73
CA VAL B 191 -11.92 -28.73 0.66
C VAL B 191 -11.26 -28.50 2.02
N CYS B 192 -12.02 -28.03 2.99
CA CYS B 192 -11.45 -27.73 4.32
C CYS B 192 -10.98 -28.99 5.04
N ALA B 193 -11.70 -30.10 4.87
CA ALA B 193 -11.24 -31.38 5.42
C ALA B 193 -9.91 -31.81 4.78
N ALA B 194 -9.81 -31.61 3.47
CA ALA B 194 -8.57 -31.95 2.75
C ALA B 194 -7.45 -31.03 3.18
N ILE B 195 -7.76 -29.75 3.38
CA ILE B 195 -6.77 -28.81 3.91
C ILE B 195 -6.20 -29.30 5.25
N ARG B 196 -7.08 -29.70 6.18
CA ARG B 196 -6.62 -30.14 7.49
C ARG B 196 -5.75 -31.40 7.41
N LYS B 197 -6.11 -32.29 6.51
CA LYS B 197 -5.34 -33.53 6.32
C LYS B 197 -3.93 -33.17 5.83
N GLU B 198 -3.83 -32.22 4.91
CA GLU B 198 -2.53 -31.76 4.45
C GLU B 198 -1.73 -31.09 5.56
N LEU B 199 -2.37 -30.23 6.35
CA LEU B 199 -1.71 -29.60 7.48
C LEU B 199 -1.13 -30.64 8.43
N ALA B 200 -1.84 -31.76 8.57
CA ALA B 200 -1.37 -32.86 9.42
C ALA B 200 -0.09 -33.49 8.88
N SER B 201 0.04 -33.52 7.55
CA SER B 201 1.24 -34.05 6.92
CA SER B 201 1.24 -34.04 6.90
C SER B 201 2.40 -33.05 6.98
N LEU B 202 2.09 -31.78 6.76
CA LEU B 202 3.10 -30.73 6.76
C LEU B 202 3.57 -30.41 8.16
N ALA B 203 2.70 -30.66 9.14
CA ALA B 203 2.99 -30.41 10.53
C ALA B 203 2.85 -31.70 11.36
N SER B 204 1.73 -31.86 12.06
CA SER B 204 1.35 -33.10 12.75
C SER B 204 -0.17 -33.10 12.93
N PRO B 205 -0.78 -34.29 13.16
CA PRO B 205 -2.22 -34.33 13.44
C PRO B 205 -2.65 -33.41 14.59
N ARG B 206 -1.85 -33.39 15.65
CA ARG B 206 -2.15 -32.57 16.82
C ARG B 206 -2.15 -31.08 16.46
N ILE B 207 -1.14 -30.63 15.71
CA ILE B 207 -1.07 -29.24 15.29
C ILE B 207 -2.22 -28.88 14.36
N ALA B 208 -2.46 -29.75 13.37
CA ALA B 208 -3.52 -29.56 12.38
C ALA B 208 -4.87 -29.38 13.06
N ASP B 209 -5.12 -30.12 14.16
CA ASP B 209 -6.40 -30.00 14.85
C ASP B 209 -6.60 -28.65 15.55
N THR B 210 -5.55 -27.86 15.69
CA THR B 210 -5.65 -26.53 16.31
C THR B 210 -5.78 -25.40 15.28
N VAL B 211 -5.50 -25.69 14.02
CA VAL B 211 -5.45 -24.63 13.00
C VAL B 211 -6.86 -24.26 12.52
N ARG B 212 -7.18 -22.98 12.59
CA ARG B 212 -8.47 -22.50 12.09
C ARG B 212 -8.46 -22.36 10.57
N VAL B 213 -9.42 -23.04 9.95
CA VAL B 213 -9.62 -23.05 8.51
C VAL B 213 -10.94 -22.35 8.19
N LEU B 214 -10.86 -21.19 7.55
CA LEU B 214 -12.05 -20.39 7.27
C LEU B 214 -12.56 -20.59 5.85
N TYR B 215 -13.86 -20.40 5.69
CA TYR B 215 -14.45 -20.34 4.37
C TYR B 215 -14.49 -18.90 3.90
N GLY B 216 -13.98 -18.67 2.69
CA GLY B 216 -13.86 -17.32 2.14
C GLY B 216 -14.64 -17.08 0.88
N GLY B 217 -15.68 -17.88 0.64
CA GLY B 217 -16.66 -17.59 -0.41
C GLY B 217 -17.71 -16.62 0.09
N SER B 218 -18.83 -16.56 -0.62
N SER B 218 -18.85 -16.57 -0.59
CA SER B 218 -19.94 -15.68 -0.23
CA SER B 218 -19.95 -15.66 -0.24
C SER B 218 -20.52 -16.11 1.12
C SER B 218 -20.64 -16.03 1.07
N VAL B 219 -20.40 -15.22 2.10
CA VAL B 219 -20.95 -15.48 3.44
C VAL B 219 -21.97 -14.41 3.79
N ASN B 220 -23.18 -14.84 4.12
CA ASN B 220 -24.24 -13.90 4.52
C ASN B 220 -25.08 -14.57 5.60
N ALA B 221 -26.09 -13.85 6.11
CA ALA B 221 -26.88 -14.33 7.22
C ALA B 221 -27.61 -15.62 6.90
N LYS B 222 -27.97 -15.81 5.63
CA LYS B 222 -28.76 -16.97 5.21
C LYS B 222 -27.94 -18.25 5.12
N ASN B 223 -26.64 -18.13 4.91
CA ASN B 223 -25.82 -19.31 4.69
C ASN B 223 -24.70 -19.56 5.72
N VAL B 224 -24.47 -18.61 6.62
CA VAL B 224 -23.31 -18.73 7.51
C VAL B 224 -23.44 -19.91 8.49
N GLY B 225 -24.65 -20.15 8.96
CA GLY B 225 -24.85 -21.23 9.92
C GLY B 225 -24.49 -22.58 9.34
N ASP B 226 -24.92 -22.85 8.11
CA ASP B 226 -24.61 -24.12 7.46
C ASP B 226 -23.12 -24.29 7.24
N ILE B 227 -22.45 -23.19 6.89
CA ILE B 227 -21.02 -23.23 6.63
C ILE B 227 -20.23 -23.56 7.90
N VAL B 228 -20.49 -22.83 8.97
CA VAL B 228 -19.72 -23.03 10.20
C VAL B 228 -20.12 -24.32 10.94
N ALA B 229 -21.29 -24.87 10.59
CA ALA B 229 -21.72 -26.17 11.14
C ALA B 229 -20.84 -27.32 10.67
N GLN B 230 -20.12 -27.14 9.58
CA GLN B 230 -19.33 -28.23 8.99
C GLN B 230 -18.14 -28.60 9.86
N ASP B 231 -17.80 -29.89 9.86
CA ASP B 231 -16.79 -30.43 10.78
C ASP B 231 -15.44 -29.71 10.71
N ASP B 232 -15.02 -29.33 9.51
CA ASP B 232 -13.67 -28.81 9.34
C ASP B 232 -13.60 -27.33 8.99
N VAL B 233 -14.76 -26.67 9.05
CA VAL B 233 -14.86 -25.22 8.75
C VAL B 233 -14.96 -24.47 10.07
N ASP B 234 -14.06 -23.52 10.30
CA ASP B 234 -13.94 -22.85 11.60
C ASP B 234 -14.34 -21.40 11.60
N GLY B 235 -15.05 -20.99 10.55
CA GLY B 235 -15.53 -19.62 10.47
C GLY B 235 -15.45 -19.10 9.05
N GLY B 236 -15.38 -17.77 8.92
CA GLY B 236 -15.48 -17.14 7.61
C GLY B 236 -14.57 -15.95 7.48
N LEU B 237 -14.04 -15.78 6.27
CA LEU B 237 -13.40 -14.55 5.84
C LEU B 237 -14.46 -13.88 4.95
N VAL B 238 -15.12 -12.88 5.53
CA VAL B 238 -16.35 -12.34 5.00
C VAL B 238 -16.06 -11.14 4.12
N GLY B 239 -16.76 -11.06 3.00
CA GLY B 239 -16.64 -9.92 2.08
C GLY B 239 -17.63 -8.81 2.37
N GLY B 240 -18.55 -8.60 1.45
CA GLY B 240 -19.43 -7.42 1.50
C GLY B 240 -20.24 -7.23 2.76
N ALA B 241 -20.68 -8.32 3.38
CA ALA B 241 -21.47 -8.20 4.61
C ALA B 241 -20.66 -7.55 5.74
N SER B 242 -19.32 -7.54 5.60
CA SER B 242 -18.52 -6.95 6.67
CA SER B 242 -18.39 -6.90 6.56
C SER B 242 -18.64 -5.42 6.73
N LEU B 243 -19.19 -4.80 5.68
CA LEU B 243 -19.31 -3.35 5.62
C LEU B 243 -20.56 -2.82 6.28
N ASP B 244 -21.45 -3.72 6.70
CA ASP B 244 -22.68 -3.33 7.38
C ASP B 244 -22.57 -3.86 8.80
N GLY B 245 -22.49 -2.96 9.78
CA GLY B 245 -22.21 -3.33 11.16
C GLY B 245 -23.24 -4.27 11.74
N GLU B 246 -24.51 -4.00 11.45
CA GLU B 246 -25.58 -4.88 11.93
C GLU B 246 -25.52 -6.26 11.31
N HIS B 247 -25.34 -6.32 10.00
CA HIS B 247 -25.25 -7.62 9.35
C HIS B 247 -24.03 -8.41 9.82
N PHE B 248 -22.91 -7.71 9.97
CA PHE B 248 -21.68 -8.38 10.42
C PHE B 248 -21.85 -8.95 11.84
N ALA B 249 -22.48 -8.16 12.71
CA ALA B 249 -22.77 -8.61 14.07
C ALA B 249 -23.66 -9.84 14.07
N THR B 250 -24.65 -9.86 13.19
CA THR B 250 -25.53 -11.03 13.06
C THR B 250 -24.77 -12.28 12.64
N LEU B 251 -23.83 -12.13 11.71
CA LEU B 251 -23.00 -13.27 11.30
C LEU B 251 -22.24 -13.86 12.46
N ALA B 252 -21.64 -12.98 13.26
CA ALA B 252 -20.89 -13.41 14.42
C ALA B 252 -21.80 -14.14 15.41
N ALA B 253 -22.97 -13.57 15.66
CA ALA B 253 -23.93 -14.17 16.59
C ALA B 253 -24.36 -15.57 16.14
N ILE B 254 -24.66 -15.72 14.85
CA ILE B 254 -24.99 -17.04 14.29
C ILE B 254 -23.83 -18.03 14.43
N ALA B 255 -22.61 -17.63 14.05
CA ALA B 255 -21.43 -18.49 14.20
C ALA B 255 -21.18 -18.91 15.66
N ALA B 256 -21.57 -18.06 16.60
CA ALA B 256 -21.39 -18.32 18.03
C ALA B 256 -22.43 -19.28 18.59
N GLY B 257 -23.68 -19.04 18.24
CA GLY B 257 -24.84 -19.64 18.92
C GLY B 257 -25.31 -20.98 18.42
N GLY B 258 -25.01 -21.29 17.17
CA GLY B 258 -25.40 -22.60 16.60
C GLY B 258 -26.77 -22.57 15.94
N PRO B 259 -27.15 -23.69 15.28
CA PRO B 259 -26.45 -24.98 15.21
C PRO B 259 -25.29 -25.02 14.19
C1 PGH C . 13.88 8.57 -4.66
C2 PGH C . 15.26 9.15 -4.43
N2 PGH C . 12.84 9.38 -4.55
O2 PGH C . 11.61 9.00 -5.01
O1 PGH C . 13.75 7.21 -4.95
O1P PGH C . 15.96 8.32 -3.52
O2P PGH C . 17.67 7.90 -1.76
O3P PGH C . 17.35 10.28 -2.63
O4P PGH C . 18.49 8.55 -4.01
P PGH C . 17.42 8.81 -2.97
C1 PGH D . -2.68 9.88 15.83
C2 PGH D . -4.03 10.11 15.16
N2 PGH D . -1.96 8.79 15.52
O2 PGH D . -0.77 8.54 16.16
O1 PGH D . -2.16 10.81 16.73
O1P PGH D . -5.10 9.40 15.76
O2P PGH D . -6.16 11.59 16.48
O3P PGH D . -5.68 9.88 18.18
O4P PGH D . -7.53 9.53 16.59
P PGH D . -6.15 10.10 16.77
#